data_5HG0
#
_entry.id   5HG0
#
_cell.length_a   47.366
_cell.length_b   47.366
_cell.length_c   257.683
_cell.angle_alpha   90.000
_cell.angle_beta   90.000
_cell.angle_gamma   90.000
#
_symmetry.space_group_name_H-M   'P 43'
#
loop_
_entity.id
_entity.type
_entity.pdbx_description
1 polymer 'Pantothenate synthetase'
2 non-polymer S-ADENOSYLMETHIONINE
3 water water
#
_entity_poly.entity_id   1
_entity_poly.type   'polypeptide(L)'
_entity_poly.pdbx_seq_one_letter_code
;SNA(MSE)IIADNIKQFHSIRNSLIKQQKIGFVPT(MSE)GALHNGHISLIKKAKSENDVVIVSIFVNPTQFNNPNDYQT
YPNQLQQDIQILASLDVDVLFNPSEKDIYPDGNLLRIEPKLEIANILEGKSRPGHFSG(MSE)LTVVLKLLQITKPNNLY
LGEKDYQQV(MSE)LIKQLVKDFFINTKIIVCPTQRQPSGLPLSSRNKNLTSTDIEIANKIYEILRQDDFSNLEELTNKI
NSTGAKLQYIQKLNNRIFLAFYIGKVRLIDNFLKETGPSC
;
_entity_poly.pdbx_strand_id   A,B
#
loop_
_chem_comp.id
_chem_comp.type
_chem_comp.name
_chem_comp.formula
SAM non-polymer S-ADENOSYLMETHIONINE 'C15 H22 N6 O5 S'
#
# COMPACT_ATOMS: atom_id res chain seq x y z
N ALA A 3 6.48 -33.89 7.14
CA ALA A 3 6.15 -33.05 8.29
C ALA A 3 5.88 -31.60 7.86
N MSE A 4 5.96 -31.36 6.56
CA MSE A 4 5.68 -30.02 6.03
C MSE A 4 4.18 -29.72 6.05
O MSE A 4 3.36 -30.55 5.66
CB MSE A 4 6.22 -29.87 4.61
CG MSE A 4 5.92 -28.50 3.99
SE MSE A 4 6.71 -28.22 2.23
CE MSE A 4 5.55 -29.39 1.18
N ILE A 5 3.85 -28.51 6.49
CA ILE A 5 2.47 -28.06 6.54
C ILE A 5 2.16 -27.29 5.26
N ILE A 6 1.04 -27.63 4.62
CA ILE A 6 0.63 -27.00 3.37
C ILE A 6 -0.65 -26.22 3.66
N ALA A 7 -0.51 -24.90 3.82
CA ALA A 7 -1.65 -24.02 4.06
C ALA A 7 -2.05 -23.41 2.71
N ASP A 8 -3.21 -23.81 2.19
CA ASP A 8 -3.69 -23.36 0.91
C ASP A 8 -4.73 -22.24 1.01
N ASN A 9 -4.97 -21.71 2.20
CA ASN A 9 -5.88 -20.59 2.37
C ASN A 9 -5.39 -19.73 3.53
N ILE A 10 -5.98 -18.55 3.65
CA ILE A 10 -5.54 -17.57 4.64
C ILE A 10 -5.80 -18.08 6.05
N LYS A 11 -7.02 -18.55 6.31
CA LYS A 11 -7.38 -19.01 7.65
C LYS A 11 -6.42 -20.11 8.13
N GLN A 12 -6.13 -21.06 7.25
CA GLN A 12 -5.20 -22.14 7.62
C GLN A 12 -3.82 -21.60 7.94
N PHE A 13 -3.37 -20.58 7.22
CA PHE A 13 -2.05 -20.02 7.49
C PHE A 13 -2.03 -19.27 8.81
N HIS A 14 -3.08 -18.48 9.10
CA HIS A 14 -3.11 -17.75 10.35
C HIS A 14 -3.07 -18.69 11.55
N SER A 15 -3.59 -19.91 11.39
CA SER A 15 -3.53 -20.88 12.47
C SER A 15 -2.09 -21.23 12.81
N ILE A 16 -1.32 -21.70 11.81
CA ILE A 16 0.06 -22.10 12.06
C ILE A 16 0.93 -20.88 12.35
N ARG A 17 0.63 -19.73 11.74
CA ARG A 17 1.46 -18.55 11.95
C ARG A 17 1.36 -18.04 13.38
N ASN A 18 0.15 -18.00 13.94
CA ASN A 18 -0.03 -17.51 15.31
C ASN A 18 0.44 -18.51 16.35
N SER A 19 0.69 -19.76 15.97
CA SER A 19 1.19 -20.78 16.89
C SER A 19 2.69 -20.67 17.11
N LEU A 20 3.34 -19.66 16.54
CA LEU A 20 4.79 -19.51 16.62
C LEU A 20 5.16 -18.48 17.68
N ILE A 21 6.21 -18.78 18.43
CA ILE A 21 6.68 -17.91 19.51
C ILE A 21 7.47 -16.76 18.90
N LYS A 22 7.45 -15.62 19.59
CA LYS A 22 8.29 -14.50 19.19
C LYS A 22 9.75 -14.92 19.17
N GLN A 23 10.08 -15.98 19.88
CA GLN A 23 11.46 -16.43 20.02
C GLN A 23 11.78 -17.45 18.94
N GLN A 24 11.14 -17.32 17.78
CA GLN A 24 11.41 -18.17 16.62
C GLN A 24 11.67 -17.28 15.43
N LYS A 25 12.88 -17.38 14.87
CA LYS A 25 13.26 -16.58 13.71
C LYS A 25 12.57 -17.14 12.47
N ILE A 26 11.79 -16.30 11.80
CA ILE A 26 10.97 -16.72 10.67
C ILE A 26 11.61 -16.21 9.38
N GLY A 27 11.85 -17.12 8.45
CA GLY A 27 12.36 -16.74 7.14
C GLY A 27 11.37 -16.96 6.00
N PHE A 28 11.21 -15.98 5.14
CA PHE A 28 10.18 -16.03 4.09
C PHE A 28 10.83 -15.97 2.72
N VAL A 29 10.47 -16.91 1.86
CA VAL A 29 10.95 -16.96 0.49
C VAL A 29 9.73 -16.96 -0.44
N PRO A 30 9.36 -15.79 -0.98
CA PRO A 30 8.22 -15.74 -1.91
C PRO A 30 8.63 -16.19 -3.30
N THR A 31 7.87 -17.13 -3.87
CA THR A 31 8.08 -17.62 -5.22
C THR A 31 6.75 -17.66 -5.96
N MSE A 32 6.83 -17.93 -7.26
CA MSE A 32 5.65 -18.16 -8.07
C MSE A 32 5.64 -19.59 -8.60
O MSE A 32 5.09 -19.88 -9.66
CB MSE A 32 5.58 -17.16 -9.23
CG MSE A 32 5.55 -15.70 -8.79
SE MSE A 32 4.78 -14.52 -10.13
CE MSE A 32 6.00 -14.89 -11.62
N GLY A 33 6.26 -20.48 -7.84
CA GLY A 33 6.32 -21.88 -8.22
C GLY A 33 7.37 -22.14 -9.29
N ALA A 34 7.26 -23.32 -9.88
CA ALA A 34 8.21 -23.80 -10.90
C ALA A 34 9.65 -23.71 -10.37
N LEU A 35 9.86 -24.33 -9.21
CA LEU A 35 11.10 -24.13 -8.47
C LEU A 35 12.28 -24.72 -9.23
N HIS A 36 13.36 -23.94 -9.29
CA HIS A 36 14.64 -24.36 -9.86
C HIS A 36 15.73 -24.14 -8.82
N ASN A 37 16.98 -24.41 -9.23
CA ASN A 37 18.09 -24.33 -8.28
C ASN A 37 18.30 -22.92 -7.77
N GLY A 38 17.88 -21.90 -8.53
CA GLY A 38 17.90 -20.55 -8.01
C GLY A 38 17.03 -20.41 -6.78
N HIS A 39 15.81 -20.97 -6.83
CA HIS A 39 14.94 -20.95 -5.67
C HIS A 39 15.52 -21.77 -4.53
N ILE A 40 16.09 -22.94 -4.85
CA ILE A 40 16.60 -23.84 -3.82
C ILE A 40 17.72 -23.18 -3.04
N SER A 41 18.56 -22.39 -3.73
CA SER A 41 19.65 -21.69 -3.04
C SER A 41 19.12 -20.66 -2.06
N LEU A 42 18.03 -19.97 -2.42
CA LEU A 42 17.41 -19.03 -1.48
C LEU A 42 16.84 -19.75 -0.28
N ILE A 43 16.19 -20.89 -0.49
CA ILE A 43 15.60 -21.64 0.61
C ILE A 43 16.67 -22.20 1.53
N LYS A 44 17.76 -22.71 0.95
CA LYS A 44 18.87 -23.19 1.77
C LYS A 44 19.48 -22.07 2.60
N LYS A 45 19.56 -20.86 2.02
CA LYS A 45 20.04 -19.72 2.78
C LYS A 45 19.11 -19.41 3.96
N ALA A 46 17.80 -19.48 3.72
CA ALA A 46 16.84 -19.22 4.79
C ALA A 46 16.89 -20.32 5.86
N LYS A 47 17.08 -21.56 5.44
CA LYS A 47 17.17 -22.66 6.40
C LYS A 47 18.34 -22.48 7.34
N SER A 48 19.46 -21.94 6.84
CA SER A 48 20.67 -21.79 7.63
C SER A 48 20.65 -20.57 8.53
N GLU A 49 19.65 -19.70 8.41
CA GLU A 49 19.58 -18.47 9.19
C GLU A 49 18.35 -18.34 10.06
N ASN A 50 17.43 -19.30 10.01
CA ASN A 50 16.16 -19.16 10.72
C ASN A 50 15.79 -20.49 11.37
N ASP A 51 14.78 -20.42 12.25
CA ASP A 51 14.19 -21.61 12.85
C ASP A 51 12.97 -22.08 12.08
N VAL A 52 12.23 -21.17 11.47
CA VAL A 52 11.08 -21.49 10.64
C VAL A 52 11.28 -20.85 9.28
N VAL A 53 11.14 -21.65 8.22
CA VAL A 53 11.23 -21.15 6.85
C VAL A 53 9.86 -21.32 6.21
N ILE A 54 9.28 -20.21 5.76
CA ILE A 54 8.02 -20.21 5.02
C ILE A 54 8.33 -19.91 3.57
N VAL A 55 7.83 -20.77 2.67
CA VAL A 55 7.88 -20.53 1.24
C VAL A 55 6.46 -20.36 0.74
N SER A 56 6.22 -19.31 -0.03
CA SER A 56 4.94 -19.10 -0.68
C SER A 56 5.05 -19.45 -2.16
N ILE A 57 3.96 -20.00 -2.70
CA ILE A 57 3.83 -20.24 -4.13
C ILE A 57 2.52 -19.61 -4.57
N PHE A 58 2.60 -18.62 -5.46
CA PHE A 58 1.41 -17.90 -5.88
C PHE A 58 1.73 -17.19 -7.20
N VAL A 59 1.15 -17.67 -8.29
CA VAL A 59 1.30 -17.02 -9.59
C VAL A 59 0.44 -15.77 -9.58
N ASN A 60 1.05 -14.65 -9.22
CA ASN A 60 0.34 -13.39 -9.02
C ASN A 60 -0.14 -12.82 -10.35
N PRO A 61 -1.44 -12.78 -10.62
CA PRO A 61 -1.90 -12.37 -11.95
C PRO A 61 -1.74 -10.88 -12.22
N THR A 62 -1.74 -10.04 -11.18
CA THR A 62 -1.75 -8.60 -11.37
C THR A 62 -0.40 -8.03 -11.78
N GLN A 63 0.66 -8.83 -11.77
CA GLN A 63 1.98 -8.37 -12.20
C GLN A 63 2.35 -8.85 -13.59
N PHE A 64 1.47 -9.60 -14.26
CA PHE A 64 1.68 -10.02 -15.64
C PHE A 64 1.07 -8.98 -16.58
N ASN A 65 1.91 -8.23 -17.28
CA ASN A 65 1.40 -7.30 -18.27
C ASN A 65 1.08 -7.97 -19.60
N ASN A 66 1.51 -9.21 -19.80
CA ASN A 66 1.29 -9.95 -21.03
C ASN A 66 0.36 -11.12 -20.76
N PRO A 67 -0.84 -11.16 -21.36
CA PRO A 67 -1.75 -12.28 -21.07
C PRO A 67 -1.21 -13.64 -21.45
N ASN A 68 -0.51 -13.75 -22.58
CA ASN A 68 0.04 -15.05 -22.97
C ASN A 68 1.14 -15.49 -22.01
N ASP A 69 1.90 -14.54 -21.48
CA ASP A 69 2.89 -14.87 -20.45
C ASP A 69 2.23 -15.47 -19.22
N TYR A 70 1.06 -14.93 -18.83
CA TYR A 70 0.37 -15.45 -17.66
C TYR A 70 -0.25 -16.82 -17.94
N GLN A 71 -0.77 -17.01 -19.16
CA GLN A 71 -1.37 -18.30 -19.51
C GLN A 71 -0.33 -19.42 -19.48
N THR A 72 0.82 -19.17 -20.11
CA THR A 72 1.83 -20.20 -20.32
C THR A 72 2.84 -20.30 -19.18
N TYR A 73 2.59 -19.65 -18.05
CA TYR A 73 3.56 -19.71 -16.97
C TYR A 73 3.63 -21.13 -16.42
N PRO A 74 4.83 -21.68 -16.22
CA PRO A 74 4.95 -23.09 -15.85
C PRO A 74 4.25 -23.40 -14.54
N ASN A 75 3.54 -24.52 -14.53
CA ASN A 75 2.80 -24.99 -13.36
C ASN A 75 3.24 -26.42 -13.07
N GLN A 76 3.81 -26.64 -11.89
CA GLN A 76 4.26 -27.96 -11.47
C GLN A 76 4.17 -28.05 -9.94
N LEU A 77 2.95 -27.95 -9.42
CA LEU A 77 2.76 -27.84 -7.98
C LEU A 77 3.21 -29.10 -7.26
N GLN A 78 2.94 -30.28 -7.83
CA GLN A 78 3.28 -31.52 -7.13
C GLN A 78 4.78 -31.69 -6.98
N GLN A 79 5.55 -31.38 -8.04
CA GLN A 79 7.00 -31.48 -7.93
C GLN A 79 7.57 -30.40 -7.00
N ASP A 80 6.97 -29.21 -6.99
CA ASP A 80 7.42 -28.18 -6.06
C ASP A 80 7.21 -28.62 -4.62
N ILE A 81 6.10 -29.31 -4.35
CA ILE A 81 5.85 -29.82 -3.00
C ILE A 81 6.92 -30.84 -2.61
N GLN A 82 7.24 -31.76 -3.52
CA GLN A 82 8.31 -32.72 -3.28
C GLN A 82 9.63 -32.02 -2.98
N ILE A 83 9.96 -31.00 -3.77
CA ILE A 83 11.21 -30.28 -3.60
C ILE A 83 11.27 -29.61 -2.23
N LEU A 84 10.22 -28.85 -1.89
CA LEU A 84 10.18 -28.18 -0.60
C LEU A 84 10.21 -29.17 0.55
N ALA A 85 9.58 -30.33 0.37
CA ALA A 85 9.60 -31.36 1.40
C ALA A 85 11.01 -31.93 1.58
N SER A 86 11.70 -32.22 0.48
CA SER A 86 13.07 -32.71 0.58
C SER A 86 14.01 -31.66 1.14
N LEU A 87 13.66 -30.37 1.03
CA LEU A 87 14.42 -29.29 1.64
C LEU A 87 14.00 -29.00 3.07
N ASP A 88 13.03 -29.76 3.60
CA ASP A 88 12.57 -29.61 4.98
C ASP A 88 12.04 -28.20 5.24
N VAL A 89 11.21 -27.72 4.32
CA VAL A 89 10.54 -26.43 4.49
C VAL A 89 9.39 -26.58 5.47
N ASP A 90 9.31 -25.66 6.43
CA ASP A 90 8.36 -25.82 7.53
C ASP A 90 6.92 -25.61 7.07
N VAL A 91 6.66 -24.50 6.39
CA VAL A 91 5.31 -24.16 5.93
C VAL A 91 5.35 -23.80 4.46
N LEU A 92 4.37 -24.31 3.70
CA LEU A 92 4.12 -23.88 2.33
C LEU A 92 2.81 -23.11 2.29
N PHE A 93 2.88 -21.88 1.80
CA PHE A 93 1.70 -21.01 1.64
C PHE A 93 1.37 -20.96 0.16
N ASN A 94 0.34 -21.72 -0.24
CA ASN A 94 -0.08 -21.84 -1.63
C ASN A 94 -1.51 -21.30 -1.74
N PRO A 95 -1.68 -19.97 -1.73
CA PRO A 95 -3.03 -19.40 -1.71
C PRO A 95 -3.62 -19.27 -3.10
N SER A 96 -4.95 -19.11 -3.11
CA SER A 96 -5.68 -18.89 -4.35
C SER A 96 -5.79 -17.40 -4.65
N GLU A 97 -6.31 -17.09 -5.82
CA GLU A 97 -6.47 -15.69 -6.22
C GLU A 97 -7.46 -14.97 -5.33
N LYS A 98 -8.57 -15.64 -4.98
CA LYS A 98 -9.55 -15.04 -4.08
C LYS A 98 -8.98 -14.78 -2.70
N ASP A 99 -8.05 -15.63 -2.26
CA ASP A 99 -7.43 -15.42 -0.94
C ASP A 99 -6.66 -14.11 -0.90
N ILE A 100 -5.88 -13.83 -1.95
CA ILE A 100 -5.07 -12.62 -1.97
C ILE A 100 -5.85 -11.39 -2.43
N TYR A 101 -6.81 -11.56 -3.35
CA TYR A 101 -7.65 -10.47 -3.84
C TYR A 101 -9.10 -10.85 -3.64
N PRO A 102 -9.63 -10.70 -2.42
CA PRO A 102 -11.03 -11.08 -2.18
C PRO A 102 -12.03 -10.25 -2.97
N ASP A 103 -11.74 -8.97 -3.18
CA ASP A 103 -12.63 -8.07 -3.91
C ASP A 103 -12.02 -7.59 -5.22
N GLY A 104 -11.04 -8.31 -5.74
CA GLY A 104 -10.35 -7.86 -6.94
C GLY A 104 -9.11 -7.06 -6.64
N ASN A 105 -8.58 -6.43 -7.68
CA ASN A 105 -7.36 -5.63 -7.58
C ASN A 105 -7.73 -4.15 -7.51
N LEU A 106 -8.31 -3.78 -6.37
CA LEU A 106 -8.90 -2.45 -6.19
C LEU A 106 -7.90 -1.43 -5.65
N LEU A 107 -7.10 -1.80 -4.65
CA LEU A 107 -6.12 -0.90 -4.04
C LEU A 107 -4.72 -1.38 -4.41
N ARG A 108 -4.00 -0.54 -5.16
CA ARG A 108 -2.72 -0.92 -5.74
C ARG A 108 -1.61 0.02 -5.25
N ILE A 109 -0.45 -0.56 -5.01
CA ILE A 109 0.76 0.24 -4.78
C ILE A 109 1.23 0.79 -6.12
N GLU A 110 1.36 2.11 -6.20
CA GLU A 110 1.85 2.74 -7.42
C GLU A 110 3.26 3.27 -7.18
N PRO A 111 4.26 2.83 -7.95
CA PRO A 111 5.60 3.39 -7.77
C PRO A 111 5.82 4.63 -8.63
N LYS A 112 5.92 5.79 -7.99
CA LYS A 112 6.27 7.04 -8.65
C LYS A 112 7.73 7.33 -8.30
N LEU A 113 8.62 6.68 -9.03
CA LEU A 113 10.03 6.58 -8.66
C LEU A 113 10.85 6.40 -9.94
N GLU A 114 12.13 6.75 -9.85
CA GLU A 114 12.95 6.79 -11.06
C GLU A 114 13.26 5.38 -11.57
N ILE A 115 13.74 4.50 -10.69
CA ILE A 115 14.12 3.15 -11.12
C ILE A 115 12.93 2.31 -11.55
N ALA A 116 11.70 2.75 -11.24
CA ALA A 116 10.50 2.06 -11.71
C ALA A 116 10.07 2.51 -13.10
N ASN A 117 10.80 3.45 -13.72
CA ASN A 117 10.45 3.94 -15.04
C ASN A 117 11.47 3.57 -16.11
N ILE A 118 12.62 3.03 -15.72
CA ILE A 118 13.62 2.58 -16.67
C ILE A 118 13.65 1.06 -16.70
N LEU A 119 14.25 0.51 -17.75
CA LEU A 119 14.59 -0.91 -17.85
C LEU A 119 13.32 -1.74 -17.75
N GLU A 120 13.17 -2.62 -16.76
CA GLU A 120 12.02 -3.51 -16.70
C GLU A 120 10.72 -2.77 -16.43
N GLY A 121 10.78 -1.59 -15.80
CA GLY A 121 9.57 -0.83 -15.57
C GLY A 121 8.99 -0.26 -16.85
N LYS A 122 9.84 0.29 -17.71
CA LYS A 122 9.37 0.76 -19.01
C LYS A 122 8.95 -0.41 -19.89
N SER A 123 9.69 -1.51 -19.84
CA SER A 123 9.41 -2.64 -20.72
C SER A 123 8.20 -3.45 -20.28
N ARG A 124 7.83 -3.38 -19.00
CA ARG A 124 6.70 -4.14 -18.47
C ARG A 124 5.79 -3.18 -17.71
N PRO A 125 4.89 -2.51 -18.41
CA PRO A 125 3.99 -1.55 -17.74
C PRO A 125 3.06 -2.25 -16.78
N GLY A 126 2.97 -1.72 -15.56
CA GLY A 126 2.10 -2.27 -14.54
C GLY A 126 2.67 -3.42 -13.75
N HIS A 127 3.78 -4.01 -14.19
CA HIS A 127 4.33 -5.17 -13.50
C HIS A 127 4.79 -4.80 -12.10
N PHE A 128 5.53 -3.70 -11.97
CA PHE A 128 6.07 -3.32 -10.66
C PHE A 128 4.95 -2.99 -9.68
N SER A 129 3.89 -2.35 -10.16
CA SER A 129 2.74 -2.08 -9.29
C SER A 129 2.07 -3.37 -8.85
N GLY A 130 2.01 -4.36 -9.74
CA GLY A 130 1.44 -5.65 -9.35
C GLY A 130 2.33 -6.39 -8.38
N MSE A 131 3.65 -6.33 -8.59
CA MSE A 131 4.61 -7.02 -7.74
C MSE A 131 4.61 -6.45 -6.32
O MSE A 131 4.52 -7.19 -5.34
CB MSE A 131 6.00 -6.96 -8.34
CG MSE A 131 7.08 -7.68 -7.54
SE MSE A 131 7.92 -6.58 -6.16
CE MSE A 131 8.73 -5.23 -7.32
N LEU A 132 4.71 -5.12 -6.23
CA LEU A 132 4.77 -4.49 -4.91
C LEU A 132 3.48 -4.68 -4.13
N THR A 133 2.34 -4.73 -4.82
CA THR A 133 1.07 -4.93 -4.14
C THR A 133 1.01 -6.32 -3.50
N VAL A 134 1.35 -7.35 -4.26
CA VAL A 134 1.27 -8.70 -3.71
C VAL A 134 2.36 -8.92 -2.67
N VAL A 135 3.54 -8.30 -2.84
CA VAL A 135 4.60 -8.46 -1.86
C VAL A 135 4.20 -7.82 -0.53
N LEU A 136 3.58 -6.64 -0.58
CA LEU A 136 3.06 -6.02 0.63
C LEU A 136 2.02 -6.92 1.29
N LYS A 137 1.10 -7.47 0.49
CA LYS A 137 0.10 -8.41 1.02
C LYS A 137 0.78 -9.62 1.66
N LEU A 138 1.74 -10.21 0.95
CA LEU A 138 2.41 -11.40 1.47
C LEU A 138 3.18 -11.09 2.76
N LEU A 139 3.78 -9.90 2.85
CA LEU A 139 4.48 -9.53 4.06
C LEU A 139 3.52 -9.29 5.22
N GLN A 140 2.32 -8.77 4.93
CA GLN A 140 1.33 -8.59 5.99
C GLN A 140 0.79 -9.92 6.51
N ILE A 141 0.71 -10.93 5.63
CA ILE A 141 0.19 -12.23 6.03
C ILE A 141 1.23 -13.00 6.84
N THR A 142 2.45 -13.11 6.31
CA THR A 142 3.47 -13.97 6.88
C THR A 142 4.24 -13.31 8.02
N LYS A 143 4.48 -12.01 7.93
CA LYS A 143 5.18 -11.24 8.96
C LYS A 143 6.50 -11.90 9.38
N PRO A 144 7.47 -11.99 8.48
CA PRO A 144 8.73 -12.67 8.81
C PRO A 144 9.75 -11.70 9.38
N ASN A 145 10.84 -12.27 9.91
CA ASN A 145 11.99 -11.48 10.29
C ASN A 145 12.95 -11.27 9.12
N ASN A 146 12.97 -12.21 8.17
CA ASN A 146 13.95 -12.20 7.09
C ASN A 146 13.25 -12.51 5.77
N LEU A 147 13.51 -11.67 4.77
CA LEU A 147 13.00 -11.85 3.42
C LEU A 147 14.18 -12.15 2.50
N TYR A 148 14.05 -13.18 1.68
CA TYR A 148 15.13 -13.64 0.82
C TYR A 148 14.77 -13.42 -0.64
N LEU A 149 15.57 -12.61 -1.32
CA LEU A 149 15.34 -12.25 -2.71
C LEU A 149 16.59 -12.52 -3.53
N GLY A 150 16.39 -12.79 -4.82
CA GLY A 150 17.50 -13.04 -5.71
C GLY A 150 17.99 -11.79 -6.40
N GLU A 151 19.27 -11.80 -6.78
CA GLU A 151 19.88 -10.64 -7.41
C GLU A 151 19.42 -10.45 -8.85
N LYS A 152 18.91 -11.50 -9.49
CA LYS A 152 18.55 -11.39 -10.91
C LYS A 152 17.47 -10.34 -11.14
N ASP A 153 16.58 -10.13 -10.17
CA ASP A 153 15.54 -9.11 -10.27
C ASP A 153 16.01 -7.92 -9.44
N TYR A 154 16.93 -7.14 -10.02
CA TYR A 154 17.64 -6.11 -9.28
C TYR A 154 16.72 -4.96 -8.89
N GLN A 155 16.03 -4.37 -9.88
CA GLN A 155 15.07 -3.31 -9.57
C GLN A 155 14.03 -3.79 -8.56
N GLN A 156 13.57 -5.03 -8.71
CA GLN A 156 12.61 -5.59 -7.77
C GLN A 156 13.16 -5.59 -6.35
N VAL A 157 14.44 -5.90 -6.19
CA VAL A 157 15.07 -5.85 -4.87
C VAL A 157 15.04 -4.44 -4.30
N MSE A 158 15.48 -3.46 -5.10
CA MSE A 158 15.53 -2.08 -4.64
C MSE A 158 14.15 -1.51 -4.32
O MSE A 158 14.00 -0.73 -3.40
CB MSE A 158 16.22 -1.21 -5.69
CG MSE A 158 17.71 -1.49 -5.83
SE MSE A 158 18.62 -0.30 -7.08
CE MSE A 158 18.06 1.41 -6.34
N LEU A 159 13.15 -1.92 -5.10
CA LEU A 159 11.79 -1.46 -4.84
C LEU A 159 11.20 -2.10 -3.59
N ILE A 160 11.56 -3.37 -3.32
CA ILE A 160 11.06 -4.03 -2.12
C ILE A 160 11.75 -3.47 -0.88
N LYS A 161 13.02 -3.08 -1.00
CA LYS A 161 13.68 -2.37 0.11
C LYS A 161 12.99 -1.06 0.42
N GLN A 162 12.62 -0.30 -0.62
CA GLN A 162 11.88 0.94 -0.42
C GLN A 162 10.51 0.65 0.19
N LEU A 163 9.87 -0.43 -0.25
CA LEU A 163 8.56 -0.79 0.29
C LEU A 163 8.63 -1.12 1.78
N VAL A 164 9.63 -1.90 2.18
CA VAL A 164 9.78 -2.26 3.58
C VAL A 164 10.09 -1.04 4.44
N LYS A 165 10.77 -0.04 3.87
CA LYS A 165 11.11 1.16 4.62
C LYS A 165 9.95 2.15 4.68
N ASP A 166 9.20 2.28 3.58
CA ASP A 166 8.15 3.29 3.53
C ASP A 166 6.95 2.90 4.39
N PHE A 167 6.67 1.61 4.54
CA PHE A 167 5.52 1.16 5.31
C PHE A 167 5.93 0.43 6.58
N PHE A 168 7.15 0.67 7.06
CA PHE A 168 7.56 0.35 8.42
C PHE A 168 7.35 -1.13 8.74
N ILE A 169 7.77 -1.99 7.80
CA ILE A 169 7.75 -3.43 7.99
C ILE A 169 9.06 -3.84 8.63
N ASN A 170 8.97 -4.45 9.82
CA ASN A 170 10.18 -4.85 10.56
C ASN A 170 10.67 -6.19 10.03
N THR A 171 11.21 -6.15 8.82
CA THR A 171 11.71 -7.34 8.13
C THR A 171 13.06 -7.04 7.52
N LYS A 172 14.00 -7.96 7.73
CA LYS A 172 15.31 -7.88 7.09
C LYS A 172 15.23 -8.46 5.68
N ILE A 173 15.96 -7.83 4.75
CA ILE A 173 15.98 -8.26 3.36
C ILE A 173 17.37 -8.79 3.05
N ILE A 174 17.44 -10.04 2.59
CA ILE A 174 18.70 -10.71 2.28
C ILE A 174 18.73 -10.95 0.77
N VAL A 175 19.75 -10.41 0.11
CA VAL A 175 19.88 -10.51 -1.35
C VAL A 175 20.86 -11.62 -1.66
N CYS A 176 20.43 -12.59 -2.46
CA CYS A 176 21.21 -13.78 -2.77
C CYS A 176 21.69 -13.75 -4.21
N PRO A 177 22.85 -14.35 -4.49
CA PRO A 177 23.44 -14.24 -5.84
C PRO A 177 22.63 -15.02 -6.86
N THR A 178 22.81 -14.64 -8.13
CA THR A 178 22.10 -15.27 -9.23
C THR A 178 22.75 -16.60 -9.57
N GLN A 179 21.97 -17.68 -9.50
CA GLN A 179 22.43 -18.98 -9.96
C GLN A 179 22.39 -19.03 -11.48
N ARG A 180 23.42 -19.64 -12.07
CA ARG A 180 23.59 -19.62 -13.51
C ARG A 180 23.91 -21.00 -14.05
N GLN A 181 23.44 -21.25 -15.27
CA GLN A 181 23.86 -22.41 -16.02
C GLN A 181 25.37 -22.35 -16.26
N PRO A 182 26.01 -23.47 -16.61
CA PRO A 182 27.44 -23.41 -16.94
C PRO A 182 27.79 -22.40 -18.01
N SER A 183 26.89 -22.18 -18.98
CA SER A 183 27.12 -21.16 -20.00
C SER A 183 27.07 -19.75 -19.43
N GLY A 184 26.43 -19.58 -18.26
CA GLY A 184 26.19 -18.28 -17.69
C GLY A 184 24.74 -17.86 -17.72
N LEU A 185 23.91 -18.53 -18.51
CA LEU A 185 22.48 -18.26 -18.57
C LEU A 185 21.86 -18.37 -17.19
N PRO A 186 21.24 -17.32 -16.66
CA PRO A 186 20.62 -17.39 -15.34
C PRO A 186 19.48 -18.38 -15.32
N LEU A 187 19.28 -19.00 -14.17
CA LEU A 187 18.16 -19.92 -14.00
C LEU A 187 16.86 -19.13 -13.86
N SER A 188 15.87 -19.50 -14.65
CA SER A 188 14.58 -18.83 -14.64
C SER A 188 13.48 -19.86 -14.87
N SER A 189 12.34 -19.66 -14.20
CA SER A 189 11.23 -20.58 -14.37
C SER A 189 10.70 -20.58 -15.81
N ARG A 190 10.77 -19.44 -16.48
CA ARG A 190 10.33 -19.36 -17.87
C ARG A 190 11.25 -20.09 -18.82
N ASN A 191 12.46 -20.48 -18.39
CA ASN A 191 13.34 -21.29 -19.22
C ASN A 191 12.69 -22.62 -19.58
N LYS A 192 11.78 -23.11 -18.73
CA LYS A 192 11.14 -24.40 -18.97
C LYS A 192 10.26 -24.37 -20.22
N ASN A 193 9.91 -23.19 -20.71
CA ASN A 193 9.17 -23.06 -21.97
C ASN A 193 10.09 -22.98 -23.19
N LEU A 194 11.40 -22.96 -22.99
CA LEU A 194 12.33 -22.97 -24.11
C LEU A 194 12.38 -24.35 -24.74
N THR A 195 12.52 -24.39 -26.07
CA THR A 195 12.73 -25.65 -26.76
C THR A 195 14.22 -25.97 -26.82
N SER A 196 14.56 -27.08 -27.49
CA SER A 196 15.95 -27.52 -27.52
C SER A 196 16.81 -26.58 -28.36
N THR A 197 16.26 -25.99 -29.41
CA THR A 197 17.01 -25.00 -30.18
C THR A 197 16.99 -23.64 -29.52
N ASP A 198 15.93 -23.33 -28.77
CA ASP A 198 15.92 -22.12 -27.94
C ASP A 198 17.07 -22.15 -26.95
N ILE A 199 17.35 -23.31 -26.36
CA ILE A 199 18.45 -23.43 -25.40
C ILE A 199 19.79 -23.21 -26.09
N GLU A 200 19.94 -23.69 -27.32
CA GLU A 200 21.19 -23.51 -28.04
C GLU A 200 21.43 -22.04 -28.37
N ILE A 201 20.36 -21.30 -28.68
CA ILE A 201 20.49 -19.87 -28.93
C ILE A 201 20.92 -19.14 -27.66
N ALA A 202 20.29 -19.49 -26.53
CA ALA A 202 20.62 -18.84 -25.27
C ALA A 202 22.07 -19.08 -24.88
N ASN A 203 22.60 -20.27 -25.16
CA ASN A 203 24.00 -20.55 -24.88
C ASN A 203 24.93 -19.74 -25.76
N LYS A 204 24.54 -19.54 -27.02
CA LYS A 204 25.35 -18.70 -27.92
C LYS A 204 25.33 -17.23 -27.48
N ILE A 205 24.20 -16.77 -26.93
CA ILE A 205 24.13 -15.40 -26.45
C ILE A 205 25.10 -15.18 -25.30
N TYR A 206 25.12 -16.11 -24.34
CA TYR A 206 26.02 -15.97 -23.21
C TYR A 206 27.44 -16.38 -23.53
N GLU A 207 27.65 -17.11 -24.64
CA GLU A 207 28.99 -17.20 -25.20
C GLU A 207 29.46 -15.85 -25.67
N ILE A 208 28.55 -15.06 -26.26
CA ILE A 208 28.90 -13.71 -26.70
C ILE A 208 29.10 -12.80 -25.50
N LEU A 209 28.21 -12.90 -24.51
CA LEU A 209 28.27 -11.99 -23.35
C LEU A 209 29.54 -12.19 -22.55
N ARG A 210 30.05 -13.43 -22.48
CA ARG A 210 31.26 -13.68 -21.70
C ARG A 210 32.51 -13.13 -22.38
N GLN A 211 32.45 -12.82 -23.68
CA GLN A 211 33.60 -12.33 -24.41
C GLN A 211 33.55 -10.83 -24.68
N ASP A 212 32.55 -10.13 -24.16
CA ASP A 212 32.34 -8.73 -24.49
C ASP A 212 32.80 -7.84 -23.34
N ASP A 213 33.34 -6.68 -23.68
CA ASP A 213 33.69 -5.65 -22.72
C ASP A 213 32.63 -4.57 -22.60
N PHE A 214 31.54 -4.69 -23.36
CA PHE A 214 30.39 -3.80 -23.28
C PHE A 214 30.73 -2.35 -23.60
N SER A 215 31.87 -2.12 -24.27
CA SER A 215 32.21 -0.78 -24.73
C SER A 215 31.34 -0.32 -25.88
N ASN A 216 30.80 -1.24 -26.67
CA ASN A 216 29.92 -0.94 -27.80
C ASN A 216 28.65 -1.76 -27.63
N LEU A 217 27.64 -1.19 -26.98
CA LEU A 217 26.39 -1.90 -26.78
C LEU A 217 25.63 -2.13 -28.07
N GLU A 218 25.87 -1.31 -29.10
CA GLU A 218 25.17 -1.47 -30.36
C GLU A 218 25.71 -2.65 -31.15
N GLU A 219 27.04 -2.81 -31.20
CA GLU A 219 27.62 -3.98 -31.84
C GLU A 219 27.22 -5.26 -31.10
N LEU A 220 27.17 -5.20 -29.77
CA LEU A 220 26.70 -6.33 -28.98
C LEU A 220 25.25 -6.67 -29.32
N THR A 221 24.41 -5.63 -29.50
CA THR A 221 23.01 -5.87 -29.83
C THR A 221 22.88 -6.62 -31.14
N ASN A 222 23.71 -6.28 -32.13
CA ASN A 222 23.64 -6.97 -33.42
C ASN A 222 24.14 -8.40 -33.32
N LYS A 223 25.18 -8.64 -32.51
CA LYS A 223 25.65 -10.00 -32.29
C LYS A 223 24.59 -10.87 -31.61
N ILE A 224 23.77 -10.27 -30.75
CA ILE A 224 22.74 -11.02 -30.05
C ILE A 224 21.54 -11.26 -30.95
N ASN A 225 21.20 -10.30 -31.81
CA ASN A 225 20.09 -10.49 -32.73
C ASN A 225 20.42 -11.52 -33.81
N SER A 226 21.70 -11.62 -34.19
CA SER A 226 22.08 -12.56 -35.24
C SER A 226 21.99 -14.02 -34.77
N THR A 227 21.90 -14.26 -33.46
CA THR A 227 21.73 -15.61 -32.96
C THR A 227 20.30 -16.12 -33.14
N GLY A 228 19.38 -15.25 -33.51
CA GLY A 228 17.98 -15.60 -33.62
C GLY A 228 17.11 -14.97 -32.55
N ALA A 229 17.70 -14.59 -31.43
CA ALA A 229 16.94 -13.93 -30.37
C ALA A 229 16.63 -12.49 -30.77
N LYS A 230 15.76 -11.86 -29.98
CA LYS A 230 15.37 -10.47 -30.19
C LYS A 230 15.72 -9.67 -28.93
N LEU A 231 16.74 -8.83 -29.03
CA LEU A 231 17.17 -8.01 -27.91
C LEU A 231 16.13 -6.93 -27.63
N GLN A 232 15.61 -6.90 -26.40
CA GLN A 232 14.61 -5.91 -26.00
C GLN A 232 15.26 -4.64 -25.50
N TYR A 233 16.23 -4.76 -24.58
CA TYR A 233 17.02 -3.62 -24.15
C TYR A 233 18.36 -4.12 -23.61
N ILE A 234 19.35 -3.24 -23.64
CA ILE A 234 20.62 -3.46 -22.96
C ILE A 234 21.19 -2.11 -22.57
N GLN A 235 21.53 -1.94 -21.30
CA GLN A 235 21.94 -0.65 -20.79
C GLN A 235 22.93 -0.83 -19.65
N LYS A 236 23.70 0.23 -19.42
CA LYS A 236 24.55 0.35 -18.25
C LYS A 236 23.85 1.19 -17.21
N LEU A 237 23.73 0.67 -16.00
CA LEU A 237 23.23 1.43 -14.85
C LEU A 237 24.31 1.38 -13.79
N ASN A 238 24.99 2.51 -13.59
CA ASN A 238 26.10 2.61 -12.65
C ASN A 238 27.17 1.58 -13.00
N ASN A 239 27.30 0.53 -12.18
CA ASN A 239 28.35 -0.45 -12.34
C ASN A 239 27.88 -1.75 -12.99
N ARG A 240 26.63 -1.82 -13.43
CA ARG A 240 26.05 -3.08 -13.89
C ARG A 240 25.51 -2.96 -15.31
N ILE A 241 25.41 -4.11 -15.96
CA ILE A 241 24.75 -4.25 -17.25
C ILE A 241 23.38 -4.88 -17.02
N PHE A 242 22.33 -4.24 -17.53
CA PHE A 242 20.99 -4.82 -17.54
C PHE A 242 20.62 -5.15 -18.98
N LEU A 243 19.92 -6.26 -19.17
CA LEU A 243 19.46 -6.60 -20.51
C LEU A 243 18.25 -7.51 -20.41
N ALA A 244 17.43 -7.48 -21.46
CA ALA A 244 16.33 -8.40 -21.65
C ALA A 244 16.25 -8.76 -23.12
N PHE A 245 15.75 -9.96 -23.41
CA PHE A 245 15.64 -10.40 -24.79
C PHE A 245 14.64 -11.53 -24.89
N TYR A 246 14.16 -11.76 -26.11
CA TYR A 246 13.20 -12.80 -26.42
C TYR A 246 13.85 -13.89 -27.25
N ILE A 247 13.55 -15.15 -26.92
CA ILE A 247 13.81 -16.28 -27.80
C ILE A 247 12.46 -16.97 -27.99
N GLY A 248 11.87 -16.79 -29.17
CA GLY A 248 10.50 -17.23 -29.36
C GLY A 248 9.56 -16.39 -28.54
N LYS A 249 8.66 -17.06 -27.80
CA LYS A 249 7.74 -16.38 -26.91
C LYS A 249 8.26 -16.29 -25.48
N VAL A 250 9.51 -16.68 -25.24
CA VAL A 250 10.08 -16.72 -23.90
C VAL A 250 10.88 -15.44 -23.69
N ARG A 251 10.56 -14.71 -22.62
CA ARG A 251 11.26 -13.48 -22.28
C ARG A 251 12.31 -13.78 -21.21
N LEU A 252 13.54 -13.32 -21.45
CA LEU A 252 14.66 -13.56 -20.56
C LEU A 252 15.29 -12.23 -20.14
N ILE A 253 15.69 -12.14 -18.88
CA ILE A 253 16.38 -10.97 -18.36
C ILE A 253 17.64 -11.40 -17.62
N ASP A 254 18.52 -10.43 -17.40
CA ASP A 254 19.75 -10.67 -16.66
C ASP A 254 20.36 -9.33 -16.27
N ASN A 255 21.09 -9.34 -15.17
CA ASN A 255 21.93 -8.21 -14.79
C ASN A 255 23.18 -8.74 -14.09
N PHE A 256 24.29 -8.02 -14.26
CA PHE A 256 25.56 -8.43 -13.70
C PHE A 256 26.51 -7.25 -13.78
N LEU A 257 27.58 -7.32 -13.00
CA LEU A 257 28.61 -6.29 -13.01
C LEU A 257 29.30 -6.24 -14.37
N LYS A 258 29.61 -5.02 -14.82
CA LYS A 258 30.30 -4.86 -16.09
C LYS A 258 31.71 -5.43 -16.04
N GLU A 259 32.37 -5.34 -14.89
CA GLU A 259 33.73 -5.86 -14.77
C GLU A 259 33.76 -7.39 -14.89
N THR A 260 32.78 -8.06 -14.30
CA THR A 260 32.81 -9.52 -14.21
C THR A 260 32.05 -10.20 -15.35
N GLY A 261 30.90 -9.66 -15.74
CA GLY A 261 30.03 -10.34 -16.67
C GLY A 261 29.28 -11.45 -15.99
N PRO A 262 28.52 -12.37 -16.85
CA PRO A 262 27.79 -13.52 -16.27
C PRO A 262 28.71 -14.68 -15.91
N SER A 263 29.55 -14.44 -14.90
CA SER A 263 30.57 -15.41 -14.51
C SER A 263 29.96 -16.65 -13.87
N ALA B 3 0.97 13.98 32.42
CA ALA B 3 0.95 12.52 32.31
C ALA B 3 0.97 12.08 30.86
N MSE B 4 0.29 12.83 29.99
CA MSE B 4 0.22 12.48 28.58
C MSE B 4 1.61 12.52 27.93
O MSE B 4 2.36 13.47 28.12
CB MSE B 4 -0.71 13.42 27.81
CG MSE B 4 -0.68 13.19 26.30
SE MSE B 4 -2.05 14.16 25.30
CE MSE B 4 -1.32 15.96 25.45
N ILE B 5 1.93 11.47 27.18
CA ILE B 5 3.19 11.37 26.47
C ILE B 5 3.04 11.98 25.09
N ILE B 6 3.93 12.92 24.75
CA ILE B 6 3.95 13.56 23.45
C ILE B 6 5.18 13.06 22.70
N ALA B 7 4.94 12.44 21.55
CA ALA B 7 6.01 11.88 20.71
C ALA B 7 6.16 12.75 19.48
N ASP B 8 7.21 13.57 19.46
CA ASP B 8 7.41 14.49 18.34
C ASP B 8 7.93 13.79 17.09
N ASN B 9 8.53 12.62 17.23
CA ASN B 9 9.08 11.92 16.08
C ASN B 9 8.77 10.43 16.21
N ILE B 10 9.07 9.70 15.14
CA ILE B 10 8.78 8.27 15.09
C ILE B 10 9.72 7.45 15.95
N LYS B 11 10.94 7.93 16.21
CA LYS B 11 11.87 7.18 17.06
C LYS B 11 11.35 7.06 18.49
N GLN B 12 10.85 8.17 19.04
N GLN B 12 10.84 8.17 19.05
CA GLN B 12 10.27 8.14 20.39
CA GLN B 12 10.28 8.10 20.40
C GLN B 12 9.00 7.29 20.42
C GLN B 12 8.99 7.29 20.43
N PHE B 13 8.16 7.42 19.40
CA PHE B 13 6.90 6.66 19.39
C PHE B 13 7.16 5.17 19.34
N HIS B 14 8.13 4.74 18.52
CA HIS B 14 8.51 3.33 18.50
C HIS B 14 8.88 2.83 19.89
N SER B 15 9.57 3.67 20.66
CA SER B 15 9.92 3.31 22.03
C SER B 15 8.69 3.18 22.90
N ILE B 16 7.76 4.14 22.79
CA ILE B 16 6.52 4.08 23.58
C ILE B 16 5.69 2.89 23.13
N ARG B 17 5.53 2.72 21.81
CA ARG B 17 4.67 1.66 21.30
C ARG B 17 5.22 0.28 21.64
N ASN B 18 6.55 0.11 21.60
CA ASN B 18 7.14 -1.19 21.90
C ASN B 18 7.10 -1.54 23.38
N SER B 19 6.77 -0.59 24.25
CA SER B 19 6.70 -0.86 25.68
C SER B 19 5.33 -1.35 26.13
N LEU B 20 4.37 -1.46 25.22
CA LEU B 20 3.04 -1.96 25.55
C LEU B 20 2.98 -3.46 25.30
N ILE B 21 2.30 -4.17 26.19
CA ILE B 21 2.19 -5.62 26.07
C ILE B 21 0.89 -5.96 25.34
N LYS B 22 0.80 -7.22 24.88
CA LYS B 22 -0.25 -7.63 23.97
C LYS B 22 -1.62 -7.74 24.62
N GLN B 23 -1.73 -7.56 25.92
CA GLN B 23 -3.02 -7.63 26.59
C GLN B 23 -3.72 -6.28 26.69
N GLN B 24 -3.03 -5.19 26.40
CA GLN B 24 -3.63 -3.86 26.44
C GLN B 24 -4.37 -3.60 25.13
N LYS B 25 -5.66 -3.27 25.24
CA LYS B 25 -6.40 -2.80 24.08
C LYS B 25 -5.92 -1.40 23.70
N ILE B 26 -5.57 -1.22 22.43
CA ILE B 26 -5.04 0.04 21.93
C ILE B 26 -6.04 0.65 20.95
N GLY B 27 -6.44 1.89 21.23
CA GLY B 27 -7.30 2.65 20.33
C GLY B 27 -6.51 3.77 19.67
N PHE B 28 -6.81 4.04 18.41
CA PHE B 28 -6.09 5.03 17.62
C PHE B 28 -7.10 5.96 16.95
N VAL B 29 -6.90 7.26 17.10
CA VAL B 29 -7.72 8.28 16.47
C VAL B 29 -6.80 9.20 15.67
N PRO B 30 -6.73 9.01 14.35
CA PRO B 30 -5.90 9.90 13.53
C PRO B 30 -6.64 11.18 13.18
N THR B 31 -5.99 12.32 13.38
CA THR B 31 -6.55 13.62 13.05
C THR B 31 -5.50 14.45 12.32
N MSE B 32 -5.92 15.61 11.84
CA MSE B 32 -4.99 16.61 11.33
C MSE B 32 -5.05 17.86 12.19
O MSE B 32 -4.87 18.98 11.70
CB MSE B 32 -5.31 16.96 9.87
CG MSE B 32 -5.21 15.77 8.92
SE MSE B 32 -5.19 16.30 7.05
CE MSE B 32 -6.78 17.42 7.02
N GLY B 33 -5.30 17.66 13.49
CA GLY B 33 -5.32 18.76 14.43
C GLY B 33 -6.56 19.63 14.31
N ALA B 34 -6.47 20.80 14.94
CA ALA B 34 -7.58 21.75 15.05
C ALA B 34 -8.81 21.05 15.62
N LEU B 35 -8.67 20.59 16.86
CA LEU B 35 -9.65 19.67 17.44
C LEU B 35 -10.95 20.39 17.77
N HIS B 36 -12.06 19.74 17.44
CA HIS B 36 -13.39 20.21 17.81
C HIS B 36 -14.18 19.06 18.42
N ASN B 37 -15.47 19.29 18.72
CA ASN B 37 -16.25 18.27 19.39
C ASN B 37 -16.49 17.04 18.53
N GLY B 38 -16.30 17.14 17.21
CA GLY B 38 -16.30 15.95 16.38
C GLY B 38 -15.15 15.02 16.72
N HIS B 39 -13.94 15.57 16.79
CA HIS B 39 -12.78 14.79 17.22
C HIS B 39 -12.96 14.26 18.63
N ILE B 40 -13.41 15.13 19.55
CA ILE B 40 -13.56 14.74 20.94
C ILE B 40 -14.57 13.61 21.10
N SER B 41 -15.62 13.59 20.28
CA SER B 41 -16.56 12.48 20.32
C SER B 41 -15.89 11.18 19.92
N LEU B 42 -14.96 11.24 18.96
CA LEU B 42 -14.19 10.05 18.59
C LEU B 42 -13.29 9.60 19.74
N ILE B 43 -12.62 10.56 20.39
CA ILE B 43 -11.66 10.23 21.44
C ILE B 43 -12.36 9.67 22.66
N LYS B 44 -13.51 10.25 23.04
CA LYS B 44 -14.26 9.73 24.18
C LYS B 44 -14.74 8.31 23.91
N LYS B 45 -15.14 8.02 22.66
CA LYS B 45 -15.51 6.66 22.30
C LYS B 45 -14.33 5.70 22.47
N ALA B 46 -13.13 6.16 22.11
CA ALA B 46 -11.94 5.31 22.24
C ALA B 46 -11.52 5.15 23.69
N LYS B 47 -11.74 6.18 24.52
CA LYS B 47 -11.39 6.07 25.94
C LYS B 47 -12.22 5.02 26.65
N SER B 48 -13.45 4.78 26.18
CA SER B 48 -14.36 3.85 26.84
C SER B 48 -14.15 2.40 26.41
N GLU B 49 -13.53 2.15 25.27
CA GLU B 49 -13.36 0.79 24.76
C GLU B 49 -11.91 0.32 24.80
N ASN B 50 -10.98 1.12 25.29
CA ASN B 50 -9.57 0.78 25.19
C ASN B 50 -8.84 1.17 26.47
N ASP B 51 -7.72 0.47 26.69
CA ASP B 51 -6.83 0.80 27.82
C ASP B 51 -5.89 1.93 27.45
N VAL B 52 -5.43 1.97 26.20
CA VAL B 52 -4.51 2.99 25.71
C VAL B 52 -5.13 3.65 24.49
N VAL B 53 -5.17 4.97 24.49
CA VAL B 53 -5.71 5.75 23.38
C VAL B 53 -4.59 6.60 22.79
N ILE B 54 -4.27 6.36 21.52
CA ILE B 54 -3.30 7.15 20.79
C ILE B 54 -4.06 8.09 19.86
N VAL B 55 -3.68 9.37 19.87
CA VAL B 55 -4.20 10.35 18.93
C VAL B 55 -3.03 10.90 18.14
N SER B 56 -3.15 10.91 16.82
CA SER B 56 -2.12 11.45 15.95
C SER B 56 -2.58 12.80 15.41
N ILE B 57 -1.64 13.74 15.30
CA ILE B 57 -1.86 15.02 14.64
C ILE B 57 -0.81 15.15 13.55
N PHE B 58 -1.26 15.18 12.30
CA PHE B 58 -0.36 15.30 11.17
C PHE B 58 -1.13 15.84 9.97
N VAL B 59 -0.76 17.03 9.52
CA VAL B 59 -1.39 17.63 8.34
C VAL B 59 -0.69 17.03 7.13
N ASN B 60 -1.34 16.05 6.50
CA ASN B 60 -0.72 15.30 5.42
C ASN B 60 -0.72 16.10 4.13
N PRO B 61 0.45 16.45 3.58
CA PRO B 61 0.45 17.26 2.36
C PRO B 61 -0.06 16.51 1.13
N THR B 62 0.09 15.19 1.08
CA THR B 62 -0.15 14.45 -0.15
C THR B 62 -1.63 14.33 -0.51
N GLN B 63 -2.53 14.55 0.46
CA GLN B 63 -3.96 14.45 0.20
C GLN B 63 -4.60 15.80 -0.08
N PHE B 64 -3.80 16.86 -0.19
CA PHE B 64 -4.30 18.20 -0.52
C PHE B 64 -4.12 18.41 -2.02
N ASN B 65 -5.22 18.25 -2.77
CA ASN B 65 -5.17 18.59 -4.19
C ASN B 65 -5.01 20.08 -4.40
N ASN B 66 -5.54 20.90 -3.50
CA ASN B 66 -5.49 22.34 -3.63
C ASN B 66 -4.35 22.88 -2.77
N PRO B 67 -3.34 23.54 -3.34
CA PRO B 67 -2.21 24.00 -2.52
C PRO B 67 -2.57 25.13 -1.57
N ASN B 68 -3.54 25.98 -1.94
CA ASN B 68 -3.96 27.04 -1.03
C ASN B 68 -4.67 26.46 0.18
N ASP B 69 -5.33 25.31 0.03
CA ASP B 69 -5.97 24.66 1.16
C ASP B 69 -4.95 24.16 2.17
N TYR B 70 -3.79 23.70 1.69
CA TYR B 70 -2.76 23.18 2.58
C TYR B 70 -2.16 24.27 3.45
N GLN B 71 -1.90 25.45 2.88
CA GLN B 71 -1.28 26.53 3.63
C GLN B 71 -2.25 27.13 4.65
N THR B 72 -3.50 27.30 4.26
CA THR B 72 -4.50 27.93 5.12
C THR B 72 -5.23 26.92 5.99
N TYR B 73 -4.67 25.73 6.19
CA TYR B 73 -5.33 24.78 7.07
C TYR B 73 -5.12 25.20 8.53
N PRO B 74 -6.16 25.17 9.36
CA PRO B 74 -6.05 25.73 10.72
C PRO B 74 -4.99 25.02 11.55
N ASN B 75 -4.20 25.82 12.26
CA ASN B 75 -3.09 25.33 13.07
C ASN B 75 -3.23 25.90 14.48
N GLN B 76 -3.45 25.02 15.45
CA GLN B 76 -3.59 25.40 16.85
C GLN B 76 -3.04 24.27 17.72
N LEU B 77 -1.74 24.02 17.60
CA LEU B 77 -1.14 22.84 18.22
C LEU B 77 -1.24 22.91 19.75
N GLN B 78 -0.86 24.05 20.34
CA GLN B 78 -0.89 24.15 21.79
C GLN B 78 -2.30 24.00 22.34
N GLN B 79 -3.29 24.55 21.64
CA GLN B 79 -4.68 24.36 22.04
C GLN B 79 -5.08 22.89 21.97
N ASP B 80 -4.62 22.18 20.93
CA ASP B 80 -4.98 20.77 20.78
C ASP B 80 -4.35 19.93 21.88
N ILE B 81 -3.10 20.22 22.26
CA ILE B 81 -2.47 19.50 23.36
C ILE B 81 -3.26 19.69 24.64
N GLN B 82 -3.73 20.92 24.90
CA GLN B 82 -4.54 21.16 26.07
C GLN B 82 -5.84 20.36 26.03
N ILE B 83 -6.47 20.30 24.85
CA ILE B 83 -7.70 19.52 24.70
C ILE B 83 -7.42 18.04 24.93
N LEU B 84 -6.33 17.52 24.35
CA LEU B 84 -6.02 16.11 24.50
C LEU B 84 -5.67 15.75 25.94
N ALA B 85 -4.91 16.60 26.62
CA ALA B 85 -4.57 16.34 28.01
C ALA B 85 -5.82 16.35 28.89
N SER B 86 -6.78 17.24 28.58
CA SER B 86 -8.02 17.29 29.35
C SER B 86 -8.80 15.99 29.23
N LEU B 87 -8.73 15.34 28.08
CA LEU B 87 -9.41 14.07 27.86
C LEU B 87 -8.60 12.88 28.37
N ASP B 88 -7.42 13.13 28.95
CA ASP B 88 -6.54 12.07 29.46
C ASP B 88 -6.15 11.10 28.34
N VAL B 89 -5.74 11.65 27.20
CA VAL B 89 -5.20 10.84 26.12
C VAL B 89 -3.81 10.36 26.50
N ASP B 90 -3.56 9.08 26.29
CA ASP B 90 -2.29 8.49 26.73
C ASP B 90 -1.12 9.00 25.92
N VAL B 91 -1.17 8.83 24.60
CA VAL B 91 -0.06 9.21 23.71
C VAL B 91 -0.58 10.15 22.64
N LEU B 92 0.14 11.25 22.43
CA LEU B 92 -0.02 12.08 21.25
C LEU B 92 1.12 11.80 20.29
N PHE B 93 0.79 11.50 19.04
CA PHE B 93 1.77 11.25 18.00
C PHE B 93 1.71 12.40 17.00
N ASN B 94 2.72 13.26 17.03
CA ASN B 94 2.74 14.49 16.25
C ASN B 94 4.01 14.52 15.39
N PRO B 95 4.04 13.71 14.33
CA PRO B 95 5.26 13.59 13.51
C PRO B 95 5.38 14.69 12.47
N SER B 96 6.59 14.80 11.92
CA SER B 96 6.87 15.74 10.85
C SER B 96 6.69 15.08 9.50
N GLU B 97 6.82 15.88 8.43
CA GLU B 97 6.67 15.36 7.08
C GLU B 97 7.77 14.35 6.76
N LYS B 98 9.01 14.66 7.14
CA LYS B 98 10.12 13.76 6.84
C LYS B 98 10.12 12.50 7.68
N ASP B 99 9.40 12.50 8.82
CA ASP B 99 9.21 11.26 9.56
C ASP B 99 8.34 10.29 8.78
N ILE B 100 7.24 10.78 8.21
CA ILE B 100 6.30 9.92 7.52
C ILE B 100 6.74 9.64 6.09
N TYR B 101 7.40 10.61 5.44
CA TYR B 101 7.89 10.47 4.07
C TYR B 101 9.39 10.74 4.07
N PRO B 102 10.21 9.77 4.49
CA PRO B 102 11.67 10.01 4.53
C PRO B 102 12.27 10.29 3.17
N ASP B 103 11.73 9.70 2.10
CA ASP B 103 12.23 9.94 0.74
C ASP B 103 11.14 10.51 -0.15
N GLY B 104 10.22 11.28 0.42
CA GLY B 104 9.11 11.80 -0.36
C GLY B 104 8.05 10.75 -0.59
N ASN B 105 7.13 11.08 -1.50
CA ASN B 105 5.94 10.26 -1.76
C ASN B 105 6.21 9.40 -2.99
N LEU B 106 7.00 8.34 -2.80
CA LEU B 106 7.43 7.50 -3.92
C LEU B 106 6.53 6.29 -4.13
N LEU B 107 6.05 5.67 -3.05
CA LEU B 107 5.14 4.54 -3.14
C LEU B 107 3.78 4.98 -2.61
N ARG B 108 2.76 4.88 -3.46
CA ARG B 108 1.45 5.44 -3.17
C ARG B 108 0.37 4.38 -3.31
N ILE B 109 -0.63 4.45 -2.44
CA ILE B 109 -1.82 3.62 -2.57
C ILE B 109 -2.74 4.28 -3.58
N GLU B 110 -3.07 3.55 -4.65
CA GLU B 110 -3.94 4.07 -5.69
C GLU B 110 -5.29 3.36 -5.64
N PRO B 111 -6.40 4.08 -5.47
CA PRO B 111 -7.71 3.43 -5.49
C PRO B 111 -8.29 3.31 -6.89
N LYS B 112 -8.48 2.07 -7.35
CA LYS B 112 -9.11 1.80 -8.64
C LYS B 112 -10.43 1.10 -8.41
N LEU B 113 -11.41 1.85 -7.89
CA LEU B 113 -12.75 1.33 -7.69
C LEU B 113 -13.73 2.50 -7.81
N GLU B 114 -15.03 2.16 -7.82
CA GLU B 114 -16.04 3.13 -8.21
C GLU B 114 -16.21 4.24 -7.17
N ILE B 115 -16.35 3.88 -5.89
CA ILE B 115 -16.63 4.89 -4.87
C ILE B 115 -15.48 5.88 -4.71
N ALA B 116 -14.31 5.60 -5.29
CA ALA B 116 -13.21 6.56 -5.32
C ALA B 116 -13.23 7.45 -6.57
N ASN B 117 -14.10 7.16 -7.54
CA ASN B 117 -14.16 7.92 -8.77
C ASN B 117 -15.31 8.93 -8.79
N ILE B 118 -16.16 8.95 -7.77
CA ILE B 118 -17.29 9.86 -7.70
C ILE B 118 -17.10 10.79 -6.51
N LEU B 119 -17.93 11.84 -6.47
CA LEU B 119 -18.14 12.68 -5.28
C LEU B 119 -16.82 13.31 -4.87
N GLU B 120 -16.31 13.06 -3.66
CA GLU B 120 -15.06 13.68 -3.23
C GLU B 120 -13.91 13.29 -4.15
N GLY B 121 -13.89 12.04 -4.62
CA GLY B 121 -12.82 11.60 -5.51
C GLY B 121 -12.84 12.33 -6.83
N LYS B 122 -14.03 12.51 -7.42
CA LYS B 122 -14.14 13.27 -8.65
C LYS B 122 -13.78 14.74 -8.43
N SER B 123 -14.19 15.30 -7.29
CA SER B 123 -13.98 16.71 -7.01
C SER B 123 -12.59 17.01 -6.45
N ARG B 124 -11.91 16.01 -5.88
CA ARG B 124 -10.58 16.19 -5.28
C ARG B 124 -9.64 15.14 -5.85
N PRO B 125 -9.02 15.42 -7.00
CA PRO B 125 -8.11 14.44 -7.60
C PRO B 125 -6.83 14.29 -6.77
N GLY B 126 -6.45 13.04 -6.51
CA GLY B 126 -5.26 12.76 -5.73
C GLY B 126 -5.47 12.73 -4.23
N HIS B 127 -6.62 13.22 -3.75
CA HIS B 127 -6.86 13.28 -2.32
C HIS B 127 -6.88 11.89 -1.69
N PHE B 128 -7.69 10.99 -2.27
CA PHE B 128 -7.85 9.67 -1.68
C PHE B 128 -6.56 8.86 -1.71
N SER B 129 -5.72 9.05 -2.74
CA SER B 129 -4.43 8.38 -2.76
C SER B 129 -3.54 8.86 -1.64
N GLY B 130 -3.49 10.18 -1.40
CA GLY B 130 -2.69 10.70 -0.31
C GLY B 130 -3.20 10.26 1.05
N MSE B 131 -4.52 10.25 1.22
CA MSE B 131 -5.13 9.84 2.48
C MSE B 131 -4.86 8.37 2.78
O MSE B 131 -4.46 8.03 3.89
CB MSE B 131 -6.65 10.11 2.46
CG MSE B 131 -7.38 9.72 3.74
SE MSE B 131 -7.93 7.86 3.81
CE MSE B 131 -9.14 7.85 2.28
N LEU B 132 -5.09 7.52 1.78
CA LEU B 132 -4.91 6.09 1.98
C LEU B 132 -3.46 5.75 2.28
N THR B 133 -2.52 6.42 1.61
CA THR B 133 -1.10 6.14 1.83
C THR B 133 -0.70 6.46 3.27
N VAL B 134 -1.16 7.60 3.79
CA VAL B 134 -0.72 8.01 5.13
C VAL B 134 -1.43 7.19 6.20
N VAL B 135 -2.69 6.79 5.97
CA VAL B 135 -3.38 5.96 6.93
C VAL B 135 -2.69 4.60 7.06
N LEU B 136 -2.27 4.03 5.92
CA LEU B 136 -1.51 2.79 5.95
C LEU B 136 -0.22 2.98 6.74
N LYS B 137 0.50 4.06 6.48
CA LYS B 137 1.72 4.36 7.24
C LYS B 137 1.41 4.47 8.73
N LEU B 138 0.38 5.23 9.08
CA LEU B 138 0.05 5.42 10.50
C LEU B 138 -0.40 4.12 11.15
N LEU B 139 -1.16 3.30 10.43
CA LEU B 139 -1.56 2.00 10.97
C LEU B 139 -0.35 1.07 11.13
N GLN B 140 0.60 1.14 10.19
CA GLN B 140 1.82 0.35 10.32
C GLN B 140 2.67 0.84 11.49
N ILE B 141 2.53 2.11 11.87
CA ILE B 141 3.29 2.65 12.99
C ILE B 141 2.59 2.34 14.31
N THR B 142 1.33 2.77 14.45
CA THR B 142 0.63 2.64 15.72
C THR B 142 0.24 1.19 16.02
N LYS B 143 -0.06 0.41 14.99
CA LYS B 143 -0.50 -0.97 15.13
C LYS B 143 -1.60 -1.12 16.19
N PRO B 144 -2.76 -0.48 16.00
CA PRO B 144 -3.77 -0.46 17.04
C PRO B 144 -4.74 -1.63 16.94
N ASN B 145 -5.46 -1.85 18.05
CA ASN B 145 -6.54 -2.82 18.04
C ASN B 145 -7.80 -2.22 17.41
N ASN B 146 -8.08 -0.96 17.68
CA ASN B 146 -9.31 -0.31 17.27
C ASN B 146 -8.98 1.02 16.58
N LEU B 147 -9.62 1.25 15.44
CA LEU B 147 -9.48 2.50 14.69
C LEU B 147 -10.83 3.19 14.64
N TYR B 148 -10.84 4.48 15.00
CA TYR B 148 -12.08 5.24 15.11
C TYR B 148 -12.14 6.30 14.02
N LEU B 149 -13.24 6.29 13.26
CA LEU B 149 -13.41 7.16 12.11
C LEU B 149 -14.77 7.86 12.20
N GLY B 150 -14.81 9.10 11.73
CA GLY B 150 -16.04 9.85 11.71
C GLY B 150 -16.86 9.59 10.46
N GLU B 151 -18.18 9.65 10.61
CA GLU B 151 -19.09 9.40 9.50
C GLU B 151 -19.09 10.52 8.47
N LYS B 152 -18.57 11.70 8.82
CA LYS B 152 -18.64 12.84 7.91
C LYS B 152 -17.89 12.59 6.62
N ASP B 153 -16.80 11.83 6.66
CA ASP B 153 -16.04 11.48 5.46
C ASP B 153 -16.40 10.04 5.09
N TYR B 154 -17.54 9.90 4.42
CA TYR B 154 -18.13 8.58 4.21
C TYR B 154 -17.32 7.73 3.24
N GLN B 155 -16.89 8.31 2.12
CA GLN B 155 -16.04 7.56 1.20
C GLN B 155 -14.70 7.21 1.87
N GLN B 156 -14.18 8.11 2.70
CA GLN B 156 -12.95 7.83 3.42
C GLN B 156 -13.11 6.61 4.33
N VAL B 157 -14.27 6.49 4.98
CA VAL B 157 -14.53 5.33 5.83
C VAL B 157 -14.55 4.05 4.99
N MSE B 158 -15.24 4.09 3.86
CA MSE B 158 -15.37 2.92 2.98
C MSE B 158 -14.03 2.49 2.40
O MSE B 158 -13.76 1.29 2.29
CB MSE B 158 -16.36 3.20 1.85
CG MSE B 158 -17.82 3.11 2.26
SE MSE B 158 -19.04 3.52 0.80
CE MSE B 158 -18.51 2.12 -0.45
N LEU B 159 -13.20 3.46 2.03
CA LEU B 159 -11.91 3.14 1.43
C LEU B 159 -10.95 2.58 2.48
N ILE B 160 -10.97 3.13 3.69
CA ILE B 160 -10.09 2.63 4.75
C ILE B 160 -10.53 1.24 5.18
N LYS B 161 -11.85 0.98 5.21
CA LYS B 161 -12.33 -0.36 5.45
C LYS B 161 -11.79 -1.33 4.40
N GLN B 162 -11.79 -0.91 3.13
CA GLN B 162 -11.18 -1.72 2.09
C GLN B 162 -9.69 -1.86 2.31
N LEU B 163 -9.02 -0.79 2.75
CA LEU B 163 -7.58 -0.82 2.99
C LEU B 163 -7.23 -1.85 4.06
N VAL B 164 -7.91 -1.79 5.20
CA VAL B 164 -7.62 -2.71 6.29
C VAL B 164 -7.86 -4.15 5.86
N LYS B 165 -8.88 -4.38 5.01
CA LYS B 165 -9.17 -5.73 4.57
C LYS B 165 -8.13 -6.23 3.56
N ASP B 166 -7.80 -5.41 2.58
CA ASP B 166 -6.95 -5.87 1.48
C ASP B 166 -5.51 -6.10 1.92
N PHE B 167 -5.02 -5.33 2.88
CA PHE B 167 -3.65 -5.47 3.35
C PHE B 167 -3.57 -6.12 4.73
N PHE B 168 -4.64 -6.83 5.13
CA PHE B 168 -4.60 -7.79 6.23
C PHE B 168 -4.12 -7.15 7.53
N ILE B 169 -4.68 -5.99 7.83
CA ILE B 169 -4.40 -5.29 9.08
C ILE B 169 -5.41 -5.76 10.13
N ASN B 170 -4.90 -6.23 11.27
CA ASN B 170 -5.76 -6.76 12.33
C ASN B 170 -6.25 -5.62 13.21
N THR B 171 -7.14 -4.82 12.64
CA THR B 171 -7.71 -3.67 13.32
C THR B 171 -9.20 -3.60 13.05
N LYS B 172 -10.00 -3.42 14.10
CA LYS B 172 -11.42 -3.19 13.96
C LYS B 172 -11.68 -1.71 13.74
N ILE B 173 -12.62 -1.39 12.86
CA ILE B 173 -12.93 -0.02 12.51
C ILE B 173 -14.26 0.36 13.13
N ILE B 174 -14.25 1.38 13.98
CA ILE B 174 -15.44 1.87 14.66
C ILE B 174 -15.80 3.22 14.05
N VAL B 175 -16.96 3.29 13.39
CA VAL B 175 -17.42 4.51 12.74
C VAL B 175 -18.35 5.25 13.68
N CYS B 176 -18.15 6.56 13.81
CA CYS B 176 -18.91 7.36 14.75
C CYS B 176 -19.79 8.37 14.02
N PRO B 177 -20.96 8.68 14.55
CA PRO B 177 -21.86 9.62 13.87
C PRO B 177 -21.28 11.02 13.80
N THR B 178 -21.71 11.75 12.77
CA THR B 178 -21.23 13.11 12.55
C THR B 178 -21.78 14.04 13.62
N GLN B 179 -20.90 14.84 14.21
CA GLN B 179 -21.29 15.85 15.17
C GLN B 179 -21.69 17.12 14.42
N ARG B 180 -22.81 17.71 14.82
CA ARG B 180 -23.38 18.83 14.08
C ARG B 180 -23.72 19.97 15.03
N GLN B 181 -23.65 21.20 14.50
CA GLN B 181 -24.20 22.34 15.19
C GLN B 181 -25.72 22.19 15.28
N PRO B 182 -26.37 22.97 16.16
CA PRO B 182 -27.83 22.91 16.23
C PRO B 182 -28.51 23.14 14.89
N SER B 183 -27.88 23.90 13.99
CA SER B 183 -28.46 24.14 12.68
C SER B 183 -28.35 22.93 11.76
N GLY B 184 -27.51 21.96 12.11
CA GLY B 184 -27.24 20.80 11.28
C GLY B 184 -25.89 20.83 10.59
N LEU B 185 -25.24 21.99 10.54
CA LEU B 185 -23.93 22.12 9.93
C LEU B 185 -22.93 21.21 10.62
N PRO B 186 -22.27 20.30 9.90
CA PRO B 186 -21.29 19.42 10.55
C PRO B 186 -20.07 20.21 11.03
N LEU B 187 -19.62 19.88 12.24
CA LEU B 187 -18.40 20.47 12.77
C LEU B 187 -17.22 20.11 11.88
N SER B 188 -16.41 21.11 11.54
CA SER B 188 -15.30 20.90 10.62
C SER B 188 -14.23 21.93 10.90
N SER B 189 -12.96 21.50 10.84
CA SER B 189 -11.86 22.40 11.15
C SER B 189 -11.82 23.58 10.18
N ARG B 190 -12.12 23.34 8.90
CA ARG B 190 -12.08 24.41 7.92
C ARG B 190 -13.14 25.47 8.17
N ASN B 191 -14.17 25.16 8.96
CA ASN B 191 -15.17 26.16 9.32
C ASN B 191 -14.59 27.25 10.23
N LYS B 192 -13.40 27.05 10.78
CA LYS B 192 -12.72 28.10 11.52
C LYS B 192 -12.49 29.34 10.65
N ASN B 193 -12.27 29.13 9.34
CA ASN B 193 -12.05 30.22 8.41
C ASN B 193 -13.33 30.92 7.98
N LEU B 194 -14.49 30.46 8.42
CA LEU B 194 -15.75 31.05 8.01
C LEU B 194 -15.95 32.41 8.68
N THR B 195 -16.27 33.42 7.87
CA THR B 195 -16.49 34.77 8.40
C THR B 195 -17.89 34.87 9.02
N SER B 196 -18.20 36.06 9.52
CA SER B 196 -19.45 36.27 10.26
C SER B 196 -20.67 35.95 9.40
N THR B 197 -20.77 36.58 8.23
CA THR B 197 -21.91 36.33 7.35
C THR B 197 -21.88 34.93 6.78
N ASP B 198 -20.69 34.36 6.61
CA ASP B 198 -20.57 32.99 6.08
C ASP B 198 -21.34 32.00 6.94
N ILE B 199 -21.25 32.12 8.27
CA ILE B 199 -22.03 31.26 9.15
C ILE B 199 -23.52 31.46 8.88
N GLU B 200 -23.96 32.72 8.71
CA GLU B 200 -25.36 32.97 8.40
C GLU B 200 -25.77 32.33 7.08
N ILE B 201 -24.86 32.26 6.11
CA ILE B 201 -25.17 31.61 4.85
C ILE B 201 -25.32 30.11 5.04
N ALA B 202 -24.41 29.49 5.80
CA ALA B 202 -24.48 28.05 6.03
C ALA B 202 -25.74 27.66 6.80
N ASN B 203 -26.17 28.52 7.74
CA ASN B 203 -27.41 28.25 8.46
C ASN B 203 -28.63 28.35 7.56
N LYS B 204 -28.56 29.20 6.52
CA LYS B 204 -29.63 29.24 5.54
C LYS B 204 -29.74 27.91 4.78
N ILE B 205 -28.59 27.35 4.39
CA ILE B 205 -28.60 26.15 3.57
C ILE B 205 -29.19 24.97 4.33
N TYR B 206 -28.81 24.80 5.59
CA TYR B 206 -29.31 23.67 6.36
C TYR B 206 -30.73 23.90 6.86
N GLU B 207 -31.16 25.15 6.99
CA GLU B 207 -32.59 25.42 7.10
C GLU B 207 -33.33 24.86 5.89
N ILE B 208 -32.76 25.04 4.70
CA ILE B 208 -33.36 24.51 3.48
C ILE B 208 -33.29 22.98 3.49
N LEU B 209 -32.13 22.43 3.86
CA LEU B 209 -31.93 20.99 3.79
C LEU B 209 -32.87 20.24 4.74
N ARG B 210 -33.23 20.85 5.86
CA ARG B 210 -34.13 20.20 6.81
C ARG B 210 -35.59 20.30 6.40
N GLN B 211 -35.92 21.20 5.47
CA GLN B 211 -37.27 21.31 4.95
C GLN B 211 -37.48 20.49 3.68
N ASP B 212 -36.41 20.20 2.94
CA ASP B 212 -36.51 19.59 1.63
C ASP B 212 -36.61 18.07 1.75
N ASP B 213 -37.37 17.46 0.84
CA ASP B 213 -37.49 16.02 0.75
C ASP B 213 -36.52 15.41 -0.25
N PHE B 214 -35.69 16.24 -0.90
CA PHE B 214 -34.65 15.80 -1.83
C PHE B 214 -35.22 15.05 -3.03
N SER B 215 -36.48 15.32 -3.38
CA SER B 215 -37.08 14.68 -4.55
C SER B 215 -36.66 15.36 -5.84
N ASN B 216 -36.45 16.68 -5.83
CA ASN B 216 -35.97 17.44 -6.97
C ASN B 216 -34.61 18.02 -6.60
N LEU B 217 -33.55 17.40 -7.09
CA LEU B 217 -32.21 17.87 -6.77
C LEU B 217 -31.79 19.10 -7.58
N GLU B 218 -32.40 19.33 -8.75
CA GLU B 218 -32.10 20.54 -9.49
C GLU B 218 -32.73 21.75 -8.83
N GLU B 219 -33.98 21.62 -8.37
CA GLU B 219 -34.63 22.71 -7.65
C GLU B 219 -33.88 23.03 -6.36
N LEU B 220 -33.44 22.00 -5.65
CA LEU B 220 -32.68 22.21 -4.42
C LEU B 220 -31.34 22.88 -4.70
N THR B 221 -30.74 22.60 -5.85
CA THR B 221 -29.48 23.26 -6.22
C THR B 221 -29.67 24.76 -6.35
N ASN B 222 -30.83 25.18 -6.88
CA ASN B 222 -31.09 26.61 -7.05
C ASN B 222 -31.32 27.29 -5.70
N LYS B 223 -32.10 26.65 -4.82
CA LYS B 223 -32.32 27.21 -3.48
C LYS B 223 -31.02 27.36 -2.72
N ILE B 224 -30.05 26.49 -2.96
CA ILE B 224 -28.77 26.56 -2.25
C ILE B 224 -27.89 27.67 -2.81
N ASN B 225 -27.80 27.76 -4.15
CA ASN B 225 -27.00 28.82 -4.76
C ASN B 225 -27.58 30.20 -4.52
N SER B 226 -28.88 30.30 -4.20
CA SER B 226 -29.48 31.59 -3.94
C SER B 226 -28.99 32.20 -2.64
N THR B 227 -28.56 31.37 -1.69
CA THR B 227 -28.08 31.85 -0.41
C THR B 227 -26.72 32.54 -0.51
N GLY B 228 -26.04 32.42 -1.65
CA GLY B 228 -24.71 32.97 -1.83
C GLY B 228 -23.63 31.93 -1.97
N ALA B 229 -23.87 30.72 -1.49
CA ALA B 229 -22.91 29.64 -1.66
C ALA B 229 -22.95 29.12 -3.10
N LYS B 230 -21.90 28.41 -3.48
CA LYS B 230 -21.78 27.80 -4.81
C LYS B 230 -21.73 26.29 -4.62
N LEU B 231 -22.84 25.62 -4.96
CA LEU B 231 -22.90 24.18 -4.82
C LEU B 231 -21.97 23.51 -5.83
N GLN B 232 -21.11 22.62 -5.34
CA GLN B 232 -20.19 21.89 -6.21
C GLN B 232 -20.84 20.63 -6.77
N TYR B 233 -21.43 19.81 -5.90
CA TYR B 233 -22.19 18.66 -6.34
C TYR B 233 -23.25 18.34 -5.29
N ILE B 234 -24.30 17.66 -5.73
CA ILE B 234 -25.28 17.04 -4.83
C ILE B 234 -25.85 15.83 -5.56
N GLN B 235 -25.97 14.72 -4.83
CA GLN B 235 -26.23 13.45 -5.49
C GLN B 235 -26.73 12.45 -4.45
N LYS B 236 -27.73 11.67 -4.82
CA LYS B 236 -28.24 10.60 -3.96
C LYS B 236 -27.48 9.32 -4.22
N LEU B 237 -27.14 8.60 -3.15
CA LEU B 237 -26.44 7.32 -3.29
C LEU B 237 -26.85 6.44 -2.11
N ASN B 238 -27.78 5.52 -2.35
CA ASN B 238 -28.18 4.50 -1.40
C ASN B 238 -28.79 5.09 -0.12
N ASN B 239 -29.97 5.70 -0.25
CA ASN B 239 -30.70 6.32 0.85
C ASN B 239 -29.91 7.42 1.54
N ARG B 240 -28.83 7.89 0.93
CA ARG B 240 -27.92 8.85 1.54
C ARG B 240 -27.58 9.93 0.54
N ILE B 241 -27.71 11.19 0.96
CA ILE B 241 -27.43 12.35 0.11
C ILE B 241 -26.01 12.82 0.39
N PHE B 242 -25.24 13.03 -0.67
CA PHE B 242 -23.91 13.59 -0.59
C PHE B 242 -23.91 14.96 -1.28
N LEU B 243 -23.16 15.90 -0.72
CA LEU B 243 -23.07 17.22 -1.32
C LEU B 243 -21.84 17.95 -0.82
N ALA B 244 -21.41 18.93 -1.60
CA ALA B 244 -20.29 19.81 -1.24
C ALA B 244 -20.54 21.17 -1.87
N PHE B 245 -20.14 22.23 -1.16
CA PHE B 245 -20.39 23.57 -1.64
C PHE B 245 -19.28 24.50 -1.13
N TYR B 246 -19.21 25.68 -1.72
CA TYR B 246 -18.25 26.70 -1.35
C TYR B 246 -18.96 27.90 -0.74
N ILE B 247 -18.48 28.36 0.41
CA ILE B 247 -18.90 29.63 0.99
C ILE B 247 -17.66 30.49 1.11
N GLY B 248 -17.57 31.53 0.28
CA GLY B 248 -16.34 32.30 0.22
C GLY B 248 -15.22 31.42 -0.30
N LYS B 249 -14.10 31.41 0.42
CA LYS B 249 -12.97 30.57 0.09
C LYS B 249 -12.95 29.27 0.88
N VAL B 250 -14.04 28.95 1.57
CA VAL B 250 -14.12 27.77 2.44
C VAL B 250 -14.96 26.72 1.76
N ARG B 251 -14.44 25.50 1.68
CA ARG B 251 -15.13 24.37 1.10
C ARG B 251 -15.74 23.52 2.20
N LEU B 252 -17.03 23.20 2.06
CA LEU B 252 -17.76 22.42 3.05
C LEU B 252 -18.35 21.18 2.38
N ILE B 253 -18.25 20.05 3.07
CA ILE B 253 -18.83 18.80 2.60
C ILE B 253 -19.76 18.26 3.68
N ASP B 254 -20.71 17.42 3.24
CA ASP B 254 -21.63 16.79 4.17
C ASP B 254 -22.30 15.61 3.48
N ASN B 255 -22.71 14.63 4.27
CA ASN B 255 -23.52 13.53 3.81
C ASN B 255 -24.44 13.10 4.94
N PHE B 256 -25.65 12.66 4.59
CA PHE B 256 -26.63 12.29 5.59
C PHE B 256 -27.68 11.39 4.96
N LEU B 257 -28.33 10.61 5.81
CA LEU B 257 -29.44 9.77 5.38
C LEU B 257 -30.57 10.63 4.80
N LYS B 258 -31.33 10.03 3.89
CA LYS B 258 -32.41 10.76 3.25
C LYS B 258 -33.64 10.88 4.15
N GLU B 259 -33.90 9.87 4.99
CA GLU B 259 -35.08 9.91 5.84
C GLU B 259 -34.93 10.91 6.99
N THR B 260 -33.70 11.12 7.45
CA THR B 260 -33.46 11.96 8.62
C THR B 260 -33.02 13.38 8.26
N GLY B 261 -32.29 13.56 7.16
CA GLY B 261 -31.68 14.83 6.87
C GLY B 261 -30.54 15.10 7.83
N PRO B 262 -30.10 16.36 7.92
CA PRO B 262 -29.05 16.70 8.91
C PRO B 262 -29.61 16.80 10.32
N SER B 263 -30.06 15.66 10.84
CA SER B 263 -30.74 15.62 12.13
C SER B 263 -29.74 15.73 13.27
N CYS B 264 -30.25 16.08 14.45
CA CYS B 264 -29.43 16.29 15.63
C CYS B 264 -29.32 15.00 16.46
N SAM C . 8.19 -11.47 -8.30
CA SAM C . 7.60 -12.72 -7.82
C SAM C . 6.79 -12.51 -6.54
O SAM C . 7.35 -12.46 -5.44
OXT SAM C . 5.58 -12.38 -6.59
CB SAM C . 8.66 -13.80 -7.64
CG SAM C . 9.12 -14.41 -8.97
SD SAM C . 10.46 -15.64 -8.85
CE SAM C . 9.49 -17.15 -9.18
C5' SAM C . 10.78 -15.82 -7.08
C4' SAM C . 12.22 -15.52 -6.63
O4' SAM C . 13.20 -16.34 -7.26
C3' SAM C . 12.62 -14.07 -6.87
O3' SAM C . 12.94 -13.47 -5.63
C2' SAM C . 13.88 -14.15 -7.70
O2' SAM C . 14.84 -13.21 -7.26
C1' SAM C . 14.37 -15.57 -7.47
N9 SAM C . 15.18 -16.06 -8.60
C8 SAM C . 14.76 -16.26 -9.89
N7 SAM C . 15.80 -16.71 -10.62
C5 SAM C . 16.89 -16.78 -9.83
C6 SAM C . 18.21 -17.16 -10.08
N6 SAM C . 18.56 -17.54 -11.30
N1 SAM C . 19.13 -17.12 -9.06
C2 SAM C . 18.75 -16.72 -7.80
N3 SAM C . 17.45 -16.33 -7.55
C4 SAM C . 16.53 -16.36 -8.56
N SAM D . -7.93 12.55 6.51
CA SAM D . -7.11 12.83 7.69
C SAM D . -6.05 11.75 7.90
O SAM D . -6.23 10.82 8.69
OXT SAM D . -4.98 11.80 7.31
CB SAM D . -7.99 13.06 8.90
CG SAM D . -8.97 14.22 8.69
SD SAM D . -10.24 14.50 9.95
CE SAM D . -9.67 16.11 10.60
C5' SAM D . -9.86 13.41 11.35
C4' SAM D . -11.05 12.54 11.79
O4' SAM D . -12.06 13.30 12.42
C3' SAM D . -11.70 11.85 10.60
O3' SAM D . -11.85 10.48 10.88
C2' SAM D . -13.06 12.48 10.48
O2' SAM D . -14.03 11.55 10.04
C1' SAM D . -13.32 12.93 11.91
N9 SAM D . -14.32 14.02 11.92
C8 SAM D . -14.16 15.26 11.35
N7 SAM D . -15.29 15.97 11.57
C5 SAM D . -16.16 15.21 12.28
C6 SAM D . -17.43 15.45 12.76
N6 SAM D . -18.02 16.63 12.55
N1 SAM D . -18.09 14.46 13.46
C2 SAM D . -17.48 13.25 13.67
N3 SAM D . -16.21 13.01 13.19
C4 SAM D . -15.56 13.98 12.51
#